data_7P6F
#
_entry.id   7P6F
#
_cell.length_a   113.358
_cell.length_b   113.358
_cell.length_c   124.943
_cell.angle_alpha   90.000
_cell.angle_beta   90.000
_cell.angle_gamma   120.000
#
_symmetry.space_group_name_H-M   'P 62 2 2'
#
loop_
_entity.id
_entity.type
_entity.pdbx_description
1 polymer 'Transcriptional regulator SrnR'
2 non-polymer 'ACETATE ION'
3 non-polymer 'SODIUM ION'
4 water water
#
_entity_poly.entity_id   1
_entity_poly.type   'polypeptide(L)'
_entity_poly.pdbx_seq_one_letter_code
;GSHMESRALPADEEASAFRAVADPTRRQILEDLRGGELAAGEIAGRFPISAPSISRHLGVLKGAGLVTERRDANRILYSL
AEERLALCVGRFLSAVCPEQIVLRTTKWRSAPEGDAS
;
_entity_poly.pdbx_strand_id   AAA,BBB,CCC,DDD
#
# COMPACT_ATOMS: atom_id res chain seq x y z
N ALA A 8 13.37 -16.15 -8.73
CA ALA A 8 12.78 -14.78 -8.73
C ALA A 8 11.33 -14.84 -9.26
N LEU A 9 10.53 -15.84 -8.85
CA LEU A 9 9.11 -16.02 -9.29
C LEU A 9 8.20 -15.13 -8.45
N PRO A 10 7.23 -14.37 -9.04
CA PRO A 10 6.63 -13.21 -8.38
C PRO A 10 5.78 -13.49 -7.12
N ALA A 11 5.31 -14.72 -6.88
CA ALA A 11 4.63 -15.12 -5.63
C ALA A 11 5.68 -15.43 -4.54
N ASP A 12 6.87 -15.92 -4.95
CA ASP A 12 8.10 -16.02 -4.10
C ASP A 12 8.46 -14.59 -3.66
N GLU A 13 8.52 -13.64 -4.61
CA GLU A 13 8.92 -12.23 -4.34
C GLU A 13 7.85 -11.59 -3.45
N GLU A 14 6.56 -11.83 -3.68
N GLU A 14 6.57 -11.87 -3.70
CA GLU A 14 5.48 -11.33 -2.77
CA GLU A 14 5.40 -11.41 -2.89
C GLU A 14 5.77 -11.92 -1.39
C GLU A 14 5.63 -11.93 -1.46
N ALA A 15 5.90 -13.24 -1.31
CA ALA A 15 6.05 -13.92 0.01
C ALA A 15 7.25 -13.34 0.77
N SER A 16 8.42 -13.21 0.13
CA SER A 16 9.63 -12.77 0.90
C SER A 16 9.46 -11.30 1.29
N ALA A 17 8.78 -10.49 0.48
CA ALA A 17 8.50 -9.06 0.78
C ALA A 17 7.58 -8.95 2.00
N PHE A 18 6.51 -9.76 2.06
CA PHE A 18 5.57 -9.78 3.22
C PHE A 18 6.28 -10.27 4.48
N ARG A 19 7.15 -11.29 4.41
CA ARG A 19 7.90 -11.75 5.60
C ARG A 19 8.85 -10.63 6.06
N ALA A 20 9.38 -9.84 5.14
CA ALA A 20 10.35 -8.77 5.46
C ALA A 20 9.63 -7.64 6.20
N VAL A 21 8.47 -7.19 5.71
CA VAL A 21 7.75 -6.04 6.30
C VAL A 21 6.88 -6.49 7.47
N ALA A 22 6.85 -7.78 7.81
CA ALA A 22 6.13 -8.29 9.00
C ALA A 22 6.77 -7.71 10.26
N ASP A 23 8.03 -7.32 10.19
CA ASP A 23 8.80 -6.97 11.42
C ASP A 23 8.84 -5.45 11.59
N PRO A 24 8.50 -4.88 12.78
CA PRO A 24 8.45 -3.44 13.01
C PRO A 24 9.81 -2.74 12.86
N THR A 25 10.88 -3.38 13.30
CA THR A 25 12.26 -2.84 13.10
C THR A 25 12.53 -2.67 11.62
N ARG A 26 12.17 -3.68 10.81
CA ARG A 26 12.50 -3.61 9.38
C ARG A 26 11.61 -2.51 8.76
N ARG A 27 10.38 -2.36 9.23
CA ARG A 27 9.53 -1.31 8.63
C ARG A 27 10.21 0.02 8.94
N GLN A 28 10.69 0.20 10.18
CA GLN A 28 11.27 1.49 10.60
C GLN A 28 12.56 1.75 9.80
N ILE A 29 13.34 0.70 9.50
CA ILE A 29 14.58 0.87 8.70
C ILE A 29 14.17 1.38 7.32
N LEU A 30 13.13 0.79 6.72
CA LEU A 30 12.65 1.23 5.38
C LEU A 30 12.19 2.69 5.43
N GLU A 31 11.47 3.10 6.47
CA GLU A 31 11.03 4.51 6.59
C GLU A 31 12.28 5.41 6.73
N ASP A 32 13.26 5.01 7.52
CA ASP A 32 14.47 5.85 7.72
C ASP A 32 15.22 6.06 6.39
N LEU A 33 15.22 5.07 5.51
CA LEU A 33 15.96 5.11 4.23
C LEU A 33 15.23 5.97 3.19
N ARG A 34 13.99 6.40 3.45
N ARG A 34 13.96 6.33 3.43
CA ARG A 34 13.20 7.16 2.42
CA ARG A 34 13.20 7.23 2.51
C ARG A 34 13.85 8.53 2.19
C ARG A 34 14.09 8.40 2.12
N GLY A 35 14.62 9.07 3.14
CA GLY A 35 15.35 10.33 3.03
C GLY A 35 16.68 10.19 2.27
N GLY A 36 17.17 8.98 2.04
CA GLY A 36 18.46 8.78 1.36
C GLY A 36 19.27 7.66 2.02
N GLU A 37 20.33 7.27 1.32
CA GLU A 37 21.22 6.16 1.65
C GLU A 37 21.77 6.33 3.08
N LEU A 38 21.83 5.26 3.84
CA LEU A 38 22.43 5.26 5.19
C LEU A 38 23.40 4.10 5.31
N ALA A 39 24.50 4.34 6.00
CA ALA A 39 25.51 3.32 6.33
C ALA A 39 24.92 2.36 7.35
N ALA A 40 25.41 1.15 7.35
CA ALA A 40 25.00 0.12 8.34
C ALA A 40 25.17 0.68 9.76
N GLY A 41 26.27 1.39 10.03
CA GLY A 41 26.58 1.94 11.36
C GLY A 41 25.58 3.00 11.77
N GLU A 42 25.13 3.82 10.83
CA GLU A 42 24.10 4.81 11.12
C GLU A 42 22.78 4.10 11.46
N ILE A 43 22.40 3.11 10.67
CA ILE A 43 21.15 2.33 10.94
C ILE A 43 21.24 1.67 12.33
N ALA A 44 22.35 1.04 12.64
CA ALA A 44 22.48 0.33 13.93
C ALA A 44 22.39 1.35 15.08
N GLY A 45 22.88 2.57 14.88
CA GLY A 45 22.90 3.66 15.90
C GLY A 45 21.51 4.13 16.29
N ARG A 46 20.48 3.77 15.53
CA ARG A 46 19.14 4.34 15.68
C ARG A 46 18.22 3.37 16.39
N PHE A 47 18.71 2.18 16.76
CA PHE A 47 17.83 1.14 17.31
C PHE A 47 18.43 0.56 18.58
N PRO A 48 17.58 0.31 19.59
CA PRO A 48 18.01 -0.31 20.84
C PRO A 48 18.11 -1.84 20.77
N ILE A 49 18.73 -2.40 19.76
CA ILE A 49 19.04 -3.86 19.68
C ILE A 49 20.49 -3.96 19.22
N SER A 50 21.04 -5.16 19.21
CA SER A 50 22.48 -5.35 18.95
C SER A 50 22.75 -5.10 17.47
N ALA A 51 23.99 -4.76 17.16
CA ALA A 51 24.50 -4.58 15.80
C ALA A 51 24.32 -5.86 14.98
N PRO A 52 24.64 -7.07 15.50
CA PRO A 52 24.37 -8.28 14.73
C PRO A 52 22.87 -8.48 14.44
N SER A 53 22.00 -8.13 15.37
CA SER A 53 20.52 -8.24 15.16
C SER A 53 20.14 -7.27 14.03
N ILE A 54 20.71 -6.08 14.00
CA ILE A 54 20.50 -5.11 12.87
C ILE A 54 21.08 -5.70 11.59
N SER A 55 22.26 -6.33 11.64
CA SER A 55 22.81 -6.98 10.43
C SER A 55 21.83 -8.02 9.90
N ARG A 56 21.24 -8.84 10.79
CA ARG A 56 20.29 -9.90 10.35
C ARG A 56 19.07 -9.24 9.70
N HIS A 57 18.51 -8.20 10.32
CA HIS A 57 17.36 -7.46 9.75
C HIS A 57 17.73 -6.98 8.36
N LEU A 58 18.95 -6.48 8.22
CA LEU A 58 19.30 -5.85 6.93
C LEU A 58 19.44 -6.97 5.89
N GLY A 59 19.92 -8.13 6.32
CA GLY A 59 20.05 -9.28 5.41
C GLY A 59 18.67 -9.75 4.93
N VAL A 60 17.68 -9.74 5.80
CA VAL A 60 16.29 -10.11 5.46
C VAL A 60 15.78 -9.11 4.39
N LEU A 61 15.98 -7.79 4.62
CA LEU A 61 15.52 -6.72 3.68
C LEU A 61 16.22 -6.92 2.34
N LYS A 62 17.54 -7.17 2.34
CA LYS A 62 18.34 -7.32 1.10
C LYS A 62 17.89 -8.60 0.35
N GLY A 63 17.72 -9.72 1.08
CA GLY A 63 17.17 -10.99 0.56
C GLY A 63 15.87 -10.79 -0.16
N ALA A 64 15.02 -9.84 0.26
CA ALA A 64 13.68 -9.63 -0.31
C ALA A 64 13.73 -8.56 -1.40
N GLY A 65 14.91 -8.02 -1.67
CA GLY A 65 15.05 -6.99 -2.71
C GLY A 65 14.54 -5.63 -2.27
N LEU A 66 14.33 -5.40 -0.97
CA LEU A 66 13.68 -4.15 -0.48
C LEU A 66 14.72 -3.04 -0.23
N VAL A 67 15.99 -3.41 -0.11
CA VAL A 67 17.15 -2.50 -0.05
C VAL A 67 18.21 -3.01 -1.01
N THR A 68 19.01 -2.09 -1.54
CA THR A 68 20.25 -2.42 -2.27
C THR A 68 21.43 -2.00 -1.39
N GLU A 69 22.57 -2.64 -1.63
CA GLU A 69 23.85 -2.44 -0.91
C GLU A 69 24.88 -1.80 -1.84
N ARG A 70 25.77 -1.02 -1.27
CA ARG A 70 26.93 -0.45 -1.99
C ARG A 70 28.07 -0.29 -1.00
N ARG A 71 29.31 -0.57 -1.42
CA ARG A 71 30.52 -0.46 -0.56
C ARG A 71 31.19 0.88 -0.86
N ASP A 72 31.80 1.49 0.16
CA ASP A 72 32.47 2.80 0.05
C ASP A 72 33.43 2.91 1.22
N ALA A 73 34.67 2.44 1.02
CA ALA A 73 35.73 2.33 2.06
C ALA A 73 35.40 1.11 2.92
N ASN A 74 35.36 1.31 4.24
CA ASN A 74 35.03 0.26 5.23
C ASN A 74 33.53 0.35 5.55
N ARG A 75 32.70 0.83 4.61
CA ARG A 75 31.27 1.04 4.93
C ARG A 75 30.37 0.43 3.87
N ILE A 76 29.33 -0.24 4.37
CA ILE A 76 28.20 -0.75 3.55
C ILE A 76 27.10 0.30 3.67
N LEU A 77 26.66 0.88 2.56
CA LEU A 77 25.54 1.84 2.54
C LEU A 77 24.31 1.20 1.88
N TYR A 78 23.17 1.42 2.50
CA TYR A 78 21.89 0.80 2.11
C TYR A 78 20.98 1.85 1.47
N SER A 79 20.30 1.45 0.42
CA SER A 79 19.30 2.31 -0.27
C SER A 79 17.96 1.59 -0.32
N LEU A 80 16.89 2.36 -0.12
CA LEU A 80 15.51 1.85 -0.31
C LEU A 80 15.28 1.43 -1.78
N ALA A 81 14.72 0.25 -2.03
CA ALA A 81 14.25 -0.13 -3.39
C ALA A 81 12.72 0.01 -3.44
N GLU A 82 12.24 1.24 -3.59
CA GLU A 82 10.80 1.56 -3.40
C GLU A 82 9.96 0.94 -4.51
N GLU A 83 10.49 0.82 -5.73
CA GLU A 83 9.71 0.24 -6.85
C GLU A 83 9.44 -1.24 -6.56
N ARG A 84 10.46 -1.99 -6.13
CA ARG A 84 10.27 -3.41 -5.77
C ARG A 84 9.24 -3.55 -4.64
N LEU A 85 9.38 -2.78 -3.56
CA LEU A 85 8.41 -2.83 -2.43
C LEU A 85 7.01 -2.51 -2.96
N ALA A 86 6.86 -1.45 -3.80
CA ALA A 86 5.51 -1.03 -4.23
C ALA A 86 4.84 -2.18 -5.01
N LEU A 87 5.59 -2.89 -5.87
CA LEU A 87 4.99 -3.94 -6.72
C LEU A 87 4.67 -5.17 -5.85
N CYS A 88 5.61 -5.58 -5.01
CA CYS A 88 5.49 -6.84 -4.20
C CYS A 88 4.41 -6.73 -3.14
N VAL A 89 4.23 -5.57 -2.50
CA VAL A 89 3.19 -5.46 -1.46
C VAL A 89 1.95 -4.79 -2.04
N GLY A 90 2.15 -3.82 -2.95
CA GLY A 90 1.09 -2.97 -3.53
C GLY A 90 0.19 -3.69 -4.53
N ARG A 91 0.69 -4.70 -5.26
CA ARG A 91 -0.24 -5.49 -6.13
C ARG A 91 -1.29 -6.11 -5.21
N PHE A 92 -0.89 -6.91 -4.20
CA PHE A 92 -1.85 -7.50 -3.24
C PHE A 92 -2.74 -6.40 -2.68
N LEU A 93 -2.17 -5.29 -2.22
CA LEU A 93 -2.96 -4.35 -1.40
C LEU A 93 -4.00 -3.68 -2.34
N SER A 94 -3.61 -3.37 -3.58
CA SER A 94 -4.55 -2.70 -4.53
C SER A 94 -5.56 -3.75 -4.99
N ALA A 95 -5.18 -5.04 -5.02
CA ALA A 95 -6.12 -6.11 -5.42
C ALA A 95 -7.23 -6.23 -4.36
N VAL A 96 -6.86 -6.17 -3.08
CA VAL A 96 -7.85 -6.40 -2.00
C VAL A 96 -8.58 -5.12 -1.67
N CYS A 97 -7.91 -3.97 -1.80
CA CYS A 97 -8.47 -2.64 -1.45
C CYS A 97 -8.52 -1.74 -2.68
N PRO A 98 -9.24 -2.14 -3.74
CA PRO A 98 -9.21 -1.38 -5.01
C PRO A 98 -9.73 0.05 -4.94
N GLU A 99 -10.63 0.32 -3.99
N GLU A 99 -10.66 0.33 -4.02
CA GLU A 99 -11.30 1.64 -3.86
CA GLU A 99 -11.29 1.67 -3.85
C GLU A 99 -10.48 2.57 -2.94
C GLU A 99 -10.33 2.61 -3.11
N GLN A 100 -9.43 2.05 -2.29
CA GLN A 100 -8.57 2.83 -1.35
C GLN A 100 -7.13 2.90 -1.81
N ILE A 101 -6.66 1.94 -2.60
CA ILE A 101 -5.21 1.84 -2.84
C ILE A 101 -4.98 1.71 -4.32
N VAL A 102 -4.15 2.59 -4.87
CA VAL A 102 -3.81 2.57 -6.30
C VAL A 102 -2.31 2.38 -6.46
N LEU A 103 -1.92 1.42 -7.28
CA LEU A 103 -0.52 1.21 -7.67
C LEU A 103 -0.26 1.98 -8.96
N ARG A 104 0.83 2.73 -9.00
CA ARG A 104 1.24 3.54 -10.16
C ARG A 104 2.75 3.35 -10.39
N THR A 105 3.11 2.33 -11.15
CA THR A 105 4.52 2.08 -11.59
C THR A 105 4.89 3.03 -12.71
N THR A 106 3.91 3.58 -13.44
CA THR A 106 4.17 4.35 -14.69
C THR A 106 4.95 5.63 -14.37
N LYS A 107 5.89 6.01 -15.22
CA LYS A 107 6.59 7.33 -15.16
C LYS A 107 5.62 8.46 -15.51
N TRP A 108 4.74 8.22 -16.46
CA TRP A 108 3.74 9.18 -17.02
C TRP A 108 3.01 9.95 -15.89
N ARG A 109 2.79 11.26 -16.09
CA ARG A 109 2.01 12.16 -15.19
C ARG A 109 1.24 13.20 -16.03
N SER A 110 0.07 13.62 -15.54
CA SER A 110 -0.68 14.82 -16.00
C SER A 110 -0.24 16.04 -15.16
N ARG B 7 -9.94 0.34 18.58
CA ARG B 7 -9.58 -0.21 19.93
C ARG B 7 -8.13 0.19 20.25
N ALA B 8 -7.12 -0.47 19.63
CA ALA B 8 -5.68 -0.28 19.94
C ALA B 8 -5.17 1.02 19.31
N LEU B 9 -4.02 1.51 19.80
CA LEU B 9 -3.26 2.60 19.15
C LEU B 9 -3.01 2.25 17.67
N PRO B 10 -3.01 3.25 16.76
CA PRO B 10 -2.76 3.03 15.34
C PRO B 10 -1.47 2.22 15.10
N ALA B 11 -0.40 2.50 15.83
CA ALA B 11 0.90 1.78 15.70
C ALA B 11 0.69 0.28 16.00
N ASP B 12 -0.19 -0.07 16.94
CA ASP B 12 -0.44 -1.48 17.32
C ASP B 12 -1.38 -2.12 16.28
N GLU B 13 -2.34 -1.38 15.72
CA GLU B 13 -3.22 -1.91 14.65
C GLU B 13 -2.37 -2.14 13.40
N GLU B 14 -1.39 -1.27 13.15
CA GLU B 14 -0.43 -1.42 12.01
C GLU B 14 0.35 -2.72 12.22
N ALA B 15 0.96 -2.88 13.42
CA ALA B 15 1.77 -4.08 13.74
C ALA B 15 0.92 -5.34 13.54
N SER B 16 -0.31 -5.41 14.07
N SER B 16 -0.29 -5.41 14.11
CA SER B 16 -1.16 -6.63 14.02
CA SER B 16 -1.15 -6.61 14.00
C SER B 16 -1.63 -6.94 12.57
C SER B 16 -1.43 -6.92 12.52
N ALA B 17 -1.84 -5.92 11.73
CA ALA B 17 -2.17 -6.08 10.31
C ALA B 17 -0.97 -6.67 9.57
N PHE B 18 0.25 -6.25 9.88
CA PHE B 18 1.47 -6.73 9.18
C PHE B 18 1.79 -8.18 9.57
N ARG B 19 1.56 -8.57 10.82
N ARG B 19 1.61 -8.53 10.84
CA ARG B 19 1.75 -9.97 11.25
CA ARG B 19 1.66 -9.92 11.35
C ARG B 19 0.64 -10.86 10.66
C ARG B 19 0.69 -10.78 10.53
N ALA B 20 -0.56 -10.31 10.43
CA ALA B 20 -1.68 -11.08 9.80
C ALA B 20 -1.38 -11.28 8.31
N VAL B 21 -0.98 -10.24 7.57
CA VAL B 21 -0.72 -10.38 6.10
C VAL B 21 0.67 -10.99 5.83
N ALA B 22 1.43 -11.34 6.88
CA ALA B 22 2.74 -12.00 6.74
C ALA B 22 2.57 -13.37 6.05
N ASP B 23 1.42 -14.03 6.26
CA ASP B 23 1.20 -15.44 5.91
C ASP B 23 0.50 -15.54 4.56
N PRO B 24 0.94 -16.41 3.64
CA PRO B 24 0.32 -16.54 2.34
C PRO B 24 -1.11 -17.09 2.37
N THR B 25 -1.42 -18.00 3.30
CA THR B 25 -2.80 -18.49 3.46
C THR B 25 -3.71 -17.32 3.86
N ARG B 26 -3.31 -16.49 4.81
CA ARG B 26 -4.14 -15.34 5.19
C ARG B 26 -4.29 -14.34 4.03
N ARG B 27 -3.24 -14.06 3.25
CA ARG B 27 -3.43 -13.16 2.10
C ARG B 27 -4.45 -13.79 1.11
N GLN B 28 -4.37 -15.09 0.88
CA GLN B 28 -5.28 -15.76 -0.09
C GLN B 28 -6.70 -15.68 0.46
N ILE B 29 -6.88 -15.91 1.75
CA ILE B 29 -8.25 -15.78 2.33
C ILE B 29 -8.80 -14.38 2.04
N LEU B 30 -8.00 -13.33 2.30
CA LEU B 30 -8.45 -11.93 2.10
C LEU B 30 -8.81 -11.71 0.64
N GLU B 31 -8.01 -12.24 -0.25
CA GLU B 31 -8.31 -12.15 -1.70
C GLU B 31 -9.62 -12.89 -2.02
N ASP B 32 -9.84 -14.03 -1.43
CA ASP B 32 -11.09 -14.81 -1.69
C ASP B 32 -12.32 -14.04 -1.19
N LEU B 33 -12.19 -13.31 -0.09
CA LEU B 33 -13.31 -12.55 0.51
C LEU B 33 -13.67 -11.28 -0.26
N ARG B 34 -12.80 -10.86 -1.19
N ARG B 34 -12.82 -10.83 -1.18
CA ARG B 34 -12.98 -9.67 -2.06
CA ARG B 34 -13.07 -9.61 -1.99
C ARG B 34 -14.34 -9.75 -2.76
C ARG B 34 -14.45 -9.75 -2.63
N GLY B 35 -14.78 -10.95 -3.13
CA GLY B 35 -16.03 -11.20 -3.87
C GLY B 35 -17.29 -11.21 -3.02
N GLY B 36 -17.17 -11.24 -1.71
CA GLY B 36 -18.28 -11.15 -0.76
C GLY B 36 -18.11 -12.15 0.34
N GLU B 37 -19.02 -12.07 1.31
CA GLU B 37 -19.03 -12.85 2.56
C GLU B 37 -18.92 -14.34 2.23
N LEU B 38 -18.11 -15.08 2.99
CA LEU B 38 -18.07 -16.54 2.85
C LEU B 38 -18.17 -17.15 4.23
N ALA B 39 -18.83 -18.28 4.29
CA ALA B 39 -18.92 -19.15 5.48
C ALA B 39 -17.56 -19.77 5.75
N ALA B 40 -17.29 -20.03 7.03
CA ALA B 40 -16.06 -20.65 7.53
C ALA B 40 -15.80 -21.91 6.71
N GLY B 41 -16.85 -22.70 6.55
CA GLY B 41 -16.79 -24.00 5.86
C GLY B 41 -16.42 -23.83 4.42
N GLU B 42 -16.92 -22.79 3.76
CA GLU B 42 -16.54 -22.53 2.35
C GLU B 42 -15.05 -22.12 2.27
N ILE B 43 -14.61 -21.27 3.20
CA ILE B 43 -13.18 -20.85 3.25
C ILE B 43 -12.32 -22.10 3.44
N ALA B 44 -12.70 -22.98 4.35
CA ALA B 44 -11.94 -24.21 4.65
C ALA B 44 -11.87 -25.08 3.39
N GLY B 45 -12.92 -25.11 2.55
CA GLY B 45 -12.92 -25.94 1.33
C GLY B 45 -11.99 -25.42 0.23
N ARG B 46 -11.48 -24.18 0.37
CA ARG B 46 -10.61 -23.55 -0.65
C ARG B 46 -9.12 -23.81 -0.40
N PHE B 47 -8.78 -24.59 0.62
CA PHE B 47 -7.38 -24.81 1.05
C PHE B 47 -7.15 -26.27 1.44
N PRO B 48 -6.01 -26.87 1.02
CA PRO B 48 -5.60 -28.23 1.42
C PRO B 48 -4.85 -28.25 2.78
N ILE B 49 -5.47 -27.65 3.77
CA ILE B 49 -4.93 -27.63 5.14
C ILE B 49 -6.12 -27.90 6.03
N SER B 50 -5.87 -28.37 7.25
N SER B 50 -5.86 -28.37 7.26
CA SER B 50 -6.86 -28.82 8.26
CA SER B 50 -6.85 -28.80 8.26
C SER B 50 -7.82 -27.71 8.65
C SER B 50 -7.89 -27.69 8.52
N ALA B 51 -9.04 -28.09 9.04
CA ALA B 51 -10.12 -27.16 9.48
C ALA B 51 -9.59 -26.35 10.65
N PRO B 52 -8.94 -26.99 11.67
CA PRO B 52 -8.35 -26.25 12.78
C PRO B 52 -7.33 -25.21 12.31
N SER B 53 -6.54 -25.49 11.26
N SER B 53 -6.54 -25.49 11.25
CA SER B 53 -5.56 -24.51 10.71
CA SER B 53 -5.55 -24.53 10.69
C SER B 53 -6.27 -23.31 10.06
C SER B 53 -6.25 -23.32 10.03
N ILE B 54 -7.31 -23.55 9.26
CA ILE B 54 -8.14 -22.44 8.72
C ILE B 54 -8.81 -21.67 9.86
N SER B 55 -9.31 -22.32 10.93
CA SER B 55 -9.93 -21.54 12.03
C SER B 55 -8.85 -20.65 12.63
N ARG B 56 -7.64 -21.17 12.73
CA ARG B 56 -6.55 -20.44 13.41
C ARG B 56 -6.21 -19.20 12.58
N HIS B 57 -6.07 -19.37 11.29
CA HIS B 57 -5.79 -18.25 10.33
C HIS B 57 -6.92 -17.24 10.40
N LEU B 58 -8.16 -17.71 10.42
CA LEU B 58 -9.30 -16.78 10.48
C LEU B 58 -9.25 -16.03 11.83
N GLY B 59 -8.83 -16.68 12.90
CA GLY B 59 -8.82 -16.00 14.22
C GLY B 59 -7.75 -14.93 14.21
N VAL B 60 -6.64 -15.17 13.50
CA VAL B 60 -5.56 -14.15 13.39
C VAL B 60 -6.08 -12.94 12.61
N LEU B 61 -6.77 -13.17 11.49
CA LEU B 61 -7.33 -12.08 10.66
C LEU B 61 -8.37 -11.32 11.49
N LYS B 62 -9.18 -12.03 12.26
CA LYS B 62 -10.20 -11.35 13.09
C LYS B 62 -9.53 -10.50 14.17
N GLY B 63 -8.53 -11.02 14.87
CA GLY B 63 -7.81 -10.30 15.91
C GLY B 63 -7.15 -9.03 15.36
N ALA B 64 -6.72 -9.00 14.10
CA ALA B 64 -6.10 -7.82 13.46
C ALA B 64 -7.19 -6.90 12.83
N GLY B 65 -8.47 -7.24 12.97
CA GLY B 65 -9.54 -6.41 12.37
C GLY B 65 -9.60 -6.44 10.86
N LEU B 66 -8.97 -7.43 10.19
CA LEU B 66 -8.97 -7.47 8.70
C LEU B 66 -10.20 -8.24 8.16
N VAL B 67 -10.85 -9.04 9.03
CA VAL B 67 -12.18 -9.62 8.71
C VAL B 67 -13.13 -9.35 9.90
N THR B 68 -14.40 -9.31 9.59
CA THR B 68 -15.50 -9.27 10.58
C THR B 68 -16.30 -10.56 10.43
N GLU B 69 -16.91 -10.97 11.52
CA GLU B 69 -17.59 -12.28 11.73
C GLU B 69 -19.07 -11.96 11.89
N ARG B 70 -19.96 -12.83 11.41
CA ARG B 70 -21.42 -12.71 11.60
C ARG B 70 -22.05 -14.10 11.73
N ARG B 71 -22.86 -14.32 12.77
CA ARG B 71 -23.64 -15.57 12.99
C ARG B 71 -24.94 -15.44 12.20
N ASP B 72 -25.20 -16.35 11.24
CA ASP B 72 -26.50 -16.47 10.50
C ASP B 72 -27.04 -17.88 10.69
N ALA B 73 -27.93 -18.03 11.68
CA ALA B 73 -28.33 -19.30 12.30
C ALA B 73 -27.11 -19.89 13.01
N ASN B 74 -26.68 -21.09 12.60
CA ASN B 74 -25.65 -21.89 13.29
C ASN B 74 -24.31 -21.73 12.58
N ARG B 75 -24.23 -20.92 11.52
CA ARG B 75 -23.01 -20.77 10.67
C ARG B 75 -22.31 -19.41 10.94
N ILE B 76 -20.97 -19.41 10.98
CA ILE B 76 -20.13 -18.17 11.04
C ILE B 76 -19.84 -17.74 9.60
N LEU B 77 -20.15 -16.48 9.23
CA LEU B 77 -19.76 -15.86 7.94
C LEU B 77 -18.73 -14.73 8.16
N TYR B 78 -17.75 -14.65 7.25
CA TYR B 78 -16.64 -13.65 7.31
C TYR B 78 -16.77 -12.67 6.17
N SER B 79 -16.50 -11.41 6.45
CA SER B 79 -16.41 -10.34 5.43
C SER B 79 -15.03 -9.68 5.52
N LEU B 80 -14.47 -9.36 4.37
CA LEU B 80 -13.26 -8.52 4.30
C LEU B 80 -13.54 -7.13 4.91
N ALA B 81 -12.64 -6.63 5.76
CA ALA B 81 -12.67 -5.26 6.30
C ALA B 81 -11.62 -4.44 5.52
N GLU B 82 -11.94 -4.04 4.30
CA GLU B 82 -10.95 -3.44 3.37
C GLU B 82 -10.50 -2.03 3.84
N GLU B 83 -11.37 -1.24 4.47
CA GLU B 83 -11.00 0.11 4.95
C GLU B 83 -9.90 -0.03 6.00
N ARG B 84 -10.10 -0.95 6.94
CA ARG B 84 -9.10 -1.19 7.99
C ARG B 84 -7.78 -1.63 7.36
N LEU B 85 -7.80 -2.60 6.45
CA LEU B 85 -6.55 -3.14 5.83
C LEU B 85 -5.81 -2.00 5.10
N ALA B 86 -6.57 -1.19 4.34
CA ALA B 86 -6.02 -0.15 3.44
C ALA B 86 -5.22 0.85 4.30
N LEU B 87 -5.75 1.29 5.43
CA LEU B 87 -5.08 2.29 6.30
C LEU B 87 -3.92 1.60 7.04
N CYS B 88 -4.13 0.42 7.65
CA CYS B 88 -3.09 -0.21 8.50
C CYS B 88 -1.87 -0.57 7.67
N VAL B 89 -2.04 -1.05 6.43
CA VAL B 89 -0.89 -1.39 5.57
C VAL B 89 -0.58 -0.25 4.62
N GLY B 90 -1.60 0.46 4.12
CA GLY B 90 -1.46 1.50 3.08
C GLY B 90 -0.79 2.76 3.59
N ARG B 91 -0.90 3.13 4.86
CA ARG B 91 -0.21 4.37 5.33
C ARG B 91 1.28 4.11 5.19
N PHE B 92 1.76 2.97 5.74
CA PHE B 92 3.19 2.64 5.68
C PHE B 92 3.61 2.59 4.20
N LEU B 93 2.85 1.88 3.36
CA LEU B 93 3.31 1.61 1.98
C LEU B 93 3.37 2.93 1.18
N SER B 94 2.38 3.82 1.35
CA SER B 94 2.32 5.16 0.70
C SER B 94 3.38 6.08 1.32
N ALA B 95 3.78 5.86 2.57
CA ALA B 95 4.88 6.66 3.20
C ALA B 95 6.21 6.29 2.57
N VAL B 96 6.44 5.00 2.35
CA VAL B 96 7.76 4.51 1.85
C VAL B 96 7.78 4.63 0.33
N CYS B 97 6.62 4.48 -0.35
CA CYS B 97 6.56 4.49 -1.83
C CYS B 97 5.61 5.58 -2.33
N PRO B 98 5.82 6.86 -1.93
CA PRO B 98 4.90 7.93 -2.30
C PRO B 98 4.70 8.06 -3.83
N GLU B 99 5.69 7.70 -4.62
CA GLU B 99 5.62 7.88 -6.10
C GLU B 99 4.77 6.78 -6.69
N GLN B 100 4.62 5.63 -6.01
CA GLN B 100 4.00 4.44 -6.66
C GLN B 100 2.68 4.03 -5.99
N ILE B 101 2.37 4.52 -4.79
CA ILE B 101 1.26 3.98 -3.96
C ILE B 101 0.48 5.17 -3.44
N VAL B 102 -0.80 5.24 -3.79
CA VAL B 102 -1.68 6.32 -3.30
C VAL B 102 -2.81 5.74 -2.48
N LEU B 103 -2.96 6.30 -1.27
CA LEU B 103 -4.01 5.87 -0.34
C LEU B 103 -5.11 6.91 -0.33
N ARG B 104 -6.36 6.52 -0.62
CA ARG B 104 -7.51 7.42 -0.45
C ARG B 104 -8.54 6.70 0.40
N THR B 105 -8.70 7.11 1.65
CA THR B 105 -9.67 6.50 2.61
C THR B 105 -11.07 7.01 2.27
N THR B 106 -11.19 7.95 1.34
CA THR B 106 -12.37 8.80 1.13
C THR B 106 -12.77 8.83 -0.35
N LYS B 107 -14.03 9.17 -0.68
CA LYS B 107 -14.52 9.26 -2.10
C LYS B 107 -14.91 10.71 -2.39
N ALA C 8 4.77 37.80 13.67
CA ALA C 8 5.28 37.42 15.03
C ALA C 8 6.81 37.37 15.00
N LEU C 9 7.45 37.57 16.15
CA LEU C 9 8.89 37.31 16.40
C LEU C 9 9.22 35.90 15.91
N PRO C 10 10.50 35.57 15.57
CA PRO C 10 10.84 34.18 15.28
C PRO C 10 10.51 33.28 16.49
N ALA C 11 10.87 33.70 17.72
CA ALA C 11 10.64 32.95 18.98
C ALA C 11 9.14 32.63 19.20
N ASP C 12 8.19 33.49 18.81
CA ASP C 12 6.72 33.19 18.86
C ASP C 12 6.40 32.11 17.82
N GLU C 13 7.08 32.17 16.67
CA GLU C 13 6.94 31.18 15.59
C GLU C 13 7.55 29.83 16.02
N GLU C 14 8.75 29.82 16.66
N GLU C 14 8.75 29.84 16.59
CA GLU C 14 9.39 28.61 17.22
CA GLU C 14 9.33 28.63 17.19
C GLU C 14 8.37 28.05 18.21
C GLU C 14 8.30 28.06 18.16
N ALA C 15 7.84 28.89 19.09
CA ALA C 15 7.00 28.43 20.22
C ALA C 15 5.75 27.76 19.64
N SER C 16 5.11 28.44 18.67
CA SER C 16 3.89 27.96 18.00
C SER C 16 4.14 26.58 17.33
N ALA C 17 5.26 26.44 16.62
CA ALA C 17 5.61 25.19 15.93
C ALA C 17 5.75 24.06 16.98
N PHE C 18 6.37 24.33 18.12
CA PHE C 18 6.59 23.29 19.17
C PHE C 18 5.25 22.91 19.80
N ARG C 19 4.35 23.87 20.02
N ARG C 19 4.33 23.86 20.03
CA ARG C 19 2.97 23.53 20.47
CA ARG C 19 2.97 23.49 20.50
C ARG C 19 2.29 22.64 19.43
C ARG C 19 2.26 22.65 19.42
N ALA C 20 2.45 22.96 18.13
CA ALA C 20 1.78 22.24 17.01
C ALA C 20 2.27 20.79 16.95
N VAL C 21 3.59 20.55 17.05
CA VAL C 21 4.14 19.15 16.88
C VAL C 21 4.15 18.41 18.22
N ALA C 22 3.62 19.00 19.29
CA ALA C 22 3.52 18.33 20.61
C ALA C 22 2.51 17.18 20.53
N ASP C 23 1.57 17.26 19.61
CA ASP C 23 0.44 16.31 19.54
C ASP C 23 0.71 15.21 18.52
N PRO C 24 0.48 13.93 18.91
CA PRO C 24 0.75 12.78 18.04
C PRO C 24 -0.13 12.79 16.79
N THR C 25 -1.38 13.24 16.87
CA THR C 25 -2.26 13.34 15.68
C THR C 25 -1.68 14.37 14.69
N ARG C 26 -1.30 15.53 15.21
CA ARG C 26 -0.74 16.60 14.34
C ARG C 26 0.57 16.12 13.68
N ARG C 27 1.39 15.35 14.37
CA ARG C 27 2.65 14.83 13.76
C ARG C 27 2.26 13.80 12.69
N GLN C 28 1.25 12.99 12.94
CA GLN C 28 0.88 11.96 11.92
C GLN C 28 0.31 12.67 10.67
N ILE C 29 -0.50 13.71 10.88
CA ILE C 29 -1.03 14.49 9.71
C ILE C 29 0.16 14.95 8.88
N LEU C 30 1.16 15.56 9.50
CA LEU C 30 2.33 16.11 8.77
C LEU C 30 3.01 14.98 8.02
N GLU C 31 3.22 13.81 8.61
CA GLU C 31 3.87 12.70 7.87
C GLU C 31 2.96 12.24 6.69
N ASP C 32 1.66 12.12 6.90
CA ASP C 32 0.68 11.76 5.84
C ASP C 32 0.76 12.74 4.66
N LEU C 33 1.02 14.01 4.92
CA LEU C 33 1.02 15.03 3.84
C LEU C 33 2.32 14.99 3.03
N ARG C 34 3.34 14.26 3.48
CA ARG C 34 4.60 14.17 2.70
C ARG C 34 4.36 13.73 1.28
N GLY C 35 3.38 12.85 1.04
CA GLY C 35 3.12 12.31 -0.30
C GLY C 35 2.45 13.32 -1.21
N GLY C 36 2.01 14.46 -0.68
CA GLY C 36 1.22 15.39 -1.48
C GLY C 36 -0.03 15.87 -0.78
N GLU C 37 -0.63 16.88 -1.36
CA GLU C 37 -1.79 17.61 -0.84
C GLU C 37 -2.94 16.64 -0.60
N LEU C 38 -3.63 16.80 0.52
CA LEU C 38 -4.82 15.98 0.83
C LEU C 38 -5.98 16.91 1.22
N ALA C 39 -7.18 16.61 0.71
CA ALA C 39 -8.44 17.27 1.11
C ALA C 39 -8.69 17.05 2.60
N ALA C 40 -9.34 18.01 3.25
CA ALA C 40 -9.74 17.95 4.68
C ALA C 40 -10.42 16.62 4.98
N GLY C 41 -11.32 16.21 4.10
CA GLY C 41 -12.12 14.98 4.27
C GLY C 41 -11.22 13.76 4.26
N GLU C 42 -10.23 13.76 3.41
CA GLU C 42 -9.26 12.65 3.31
C GLU C 42 -8.46 12.54 4.60
N ILE C 43 -7.98 13.68 5.12
CA ILE C 43 -7.25 13.71 6.39
C ILE C 43 -8.11 13.12 7.50
N ALA C 44 -9.33 13.60 7.66
CA ALA C 44 -10.26 13.14 8.72
C ALA C 44 -10.51 11.62 8.58
N GLY C 45 -10.55 11.09 7.35
CA GLY C 45 -10.71 9.66 7.06
C GLY C 45 -9.54 8.80 7.53
N ARG C 46 -8.38 9.38 7.86
CA ARG C 46 -7.18 8.61 8.25
C ARG C 46 -7.06 8.53 9.77
N PHE C 47 -8.08 8.92 10.52
CA PHE C 47 -8.01 9.01 12.00
C PHE C 47 -9.36 8.69 12.63
N PRO C 48 -9.39 7.98 13.79
CA PRO C 48 -10.62 7.54 14.46
C PRO C 48 -11.35 8.59 15.31
N ILE C 49 -10.87 9.83 15.29
CA ILE C 49 -11.35 10.93 16.18
C ILE C 49 -12.40 11.75 15.40
N SER C 50 -13.11 12.64 16.08
CA SER C 50 -14.22 13.43 15.48
C SER C 50 -13.68 14.40 14.43
N ALA C 51 -14.48 14.63 13.40
CA ALA C 51 -14.21 15.62 12.33
C ALA C 51 -13.88 17.02 12.90
N PRO C 52 -14.68 17.53 13.88
CA PRO C 52 -14.34 18.78 14.58
C PRO C 52 -12.96 18.77 15.26
N SER C 53 -12.61 17.65 15.88
N SER C 53 -12.58 17.66 15.87
CA SER C 53 -11.27 17.44 16.48
CA SER C 53 -11.25 17.52 16.49
C SER C 53 -10.19 17.55 15.39
C SER C 53 -10.16 17.53 15.40
N ILE C 54 -10.34 16.86 14.25
CA ILE C 54 -9.36 16.98 13.13
C ILE C 54 -9.34 18.42 12.59
N SER C 55 -10.48 19.08 12.39
CA SER C 55 -10.51 20.49 11.96
C SER C 55 -9.72 21.32 12.97
N ARG C 56 -9.87 21.02 14.26
CA ARG C 56 -9.17 21.81 15.29
C ARG C 56 -7.68 21.56 15.06
N HIS C 57 -7.25 20.31 14.85
CA HIS C 57 -5.79 20.02 14.72
C HIS C 57 -5.25 20.76 13.50
N LEU C 58 -6.01 20.78 12.41
CA LEU C 58 -5.56 21.40 11.17
C LEU C 58 -5.48 22.92 11.38
N GLY C 59 -6.38 23.52 12.17
CA GLY C 59 -6.31 24.97 12.48
C GLY C 59 -5.04 25.29 13.24
N VAL C 60 -4.65 24.40 14.16
CA VAL C 60 -3.37 24.55 14.90
C VAL C 60 -2.18 24.48 13.93
N LEU C 61 -2.14 23.45 13.08
CA LEU C 61 -1.01 23.34 12.13
C LEU C 61 -1.01 24.55 11.18
N LYS C 62 -2.17 24.98 10.73
CA LYS C 62 -2.25 26.15 9.80
C LYS C 62 -1.75 27.43 10.51
N GLY C 63 -2.19 27.68 11.74
CA GLY C 63 -1.76 28.85 12.54
C GLY C 63 -0.25 28.89 12.73
N ALA C 64 0.41 27.72 12.84
CA ALA C 64 1.89 27.64 12.98
C ALA C 64 2.59 27.68 11.61
N GLY C 65 1.85 27.69 10.49
CA GLY C 65 2.41 27.78 9.13
C GLY C 65 2.94 26.45 8.63
N LEU C 66 2.67 25.36 9.33
CA LEU C 66 3.29 24.01 9.05
C LEU C 66 2.49 23.28 7.96
N VAL C 67 1.24 23.70 7.73
CA VAL C 67 0.48 23.29 6.53
C VAL C 67 0.00 24.55 5.84
N THR C 68 -0.29 24.40 4.58
CA THR C 68 -0.75 25.43 3.66
C THR C 68 -2.20 25.06 3.28
N GLU C 69 -3.17 25.90 3.64
CA GLU C 69 -4.61 25.71 3.35
C GLU C 69 -4.99 26.34 2.00
N ARG C 70 -5.53 25.52 1.10
CA ARG C 70 -5.95 25.90 -0.27
C ARG C 70 -7.44 25.56 -0.44
N ARG C 71 -8.21 26.46 -1.05
N ARG C 71 -8.17 26.46 -1.07
CA ARG C 71 -9.63 26.23 -1.41
CA ARG C 71 -9.57 26.24 -1.50
C ARG C 71 -9.77 26.18 -2.93
C ARG C 71 -9.59 26.08 -3.01
N ASP C 72 -10.36 25.11 -3.48
CA ASP C 72 -10.76 25.09 -4.88
C ASP C 72 -12.25 25.46 -4.85
N ALA C 73 -13.04 25.06 -5.83
CA ALA C 73 -14.44 25.52 -5.90
C ALA C 73 -15.15 25.02 -4.66
N ASN C 74 -14.89 23.80 -4.21
CA ASN C 74 -15.81 23.11 -3.29
C ASN C 74 -15.08 22.23 -2.27
N ARG C 75 -13.77 22.36 -2.12
CA ARG C 75 -13.04 21.64 -1.04
C ARG C 75 -12.03 22.59 -0.38
N ILE C 76 -11.60 22.22 0.80
CA ILE C 76 -10.43 22.77 1.50
C ILE C 76 -9.35 21.69 1.54
N LEU C 77 -8.15 22.06 1.15
CA LEU C 77 -7.04 21.09 0.93
C LEU C 77 -5.80 21.59 1.66
N TYR C 78 -4.95 20.67 2.13
CA TYR C 78 -3.76 20.96 2.95
C TYR C 78 -2.52 20.35 2.29
N SER C 79 -1.43 21.10 2.30
CA SER C 79 -0.07 20.72 1.81
C SER C 79 0.92 20.93 2.95
N LEU C 80 1.95 20.09 3.02
CA LEU C 80 3.00 20.21 4.04
C LEU C 80 3.83 21.44 3.73
N ALA C 81 4.19 22.20 4.74
CA ALA C 81 5.20 23.30 4.60
C ALA C 81 6.48 22.87 5.32
N GLU C 82 7.21 21.93 4.74
CA GLU C 82 8.36 21.32 5.43
C GLU C 82 9.49 22.34 5.60
N GLU C 83 9.64 23.31 4.70
CA GLU C 83 10.70 24.34 4.85
C GLU C 83 10.46 25.19 6.08
N ARG C 84 9.21 25.52 6.36
CA ARG C 84 8.86 26.27 7.58
C ARG C 84 9.08 25.38 8.85
N LEU C 85 8.62 24.13 8.82
CA LEU C 85 8.80 23.19 9.96
C LEU C 85 10.31 23.05 10.23
N ALA C 86 11.16 22.93 9.19
CA ALA C 86 12.59 22.66 9.34
C ALA C 86 13.22 23.81 10.11
N LEU C 87 12.90 25.06 9.77
CA LEU C 87 13.52 26.21 10.44
C LEU C 87 12.98 26.30 11.88
N CYS C 88 11.66 26.24 12.04
CA CYS C 88 11.01 26.55 13.33
C CYS C 88 11.45 25.53 14.38
N VAL C 89 11.61 24.25 14.01
CA VAL C 89 11.94 23.17 15.01
C VAL C 89 13.42 22.84 14.90
N GLY C 90 13.97 22.87 13.68
CA GLY C 90 15.35 22.52 13.35
C GLY C 90 16.39 23.50 13.85
N ARG C 91 16.10 24.78 13.94
CA ARG C 91 17.10 25.72 14.55
C ARG C 91 17.39 25.23 15.97
N PHE C 92 16.35 25.05 16.77
CA PHE C 92 16.51 24.59 18.17
C PHE C 92 17.22 23.26 18.15
N LEU C 93 16.76 22.32 17.31
CA LEU C 93 17.26 20.93 17.43
C LEU C 93 18.73 20.90 17.03
N SER C 94 19.10 21.64 15.99
CA SER C 94 20.54 21.71 15.56
C SER C 94 21.35 22.52 16.57
N ALA C 95 20.72 23.43 17.31
CA ALA C 95 21.49 24.24 18.29
C ALA C 95 21.85 23.33 19.50
N VAL C 96 20.96 22.42 19.90
CA VAL C 96 21.18 21.59 21.09
C VAL C 96 21.96 20.33 20.71
N CYS C 97 21.77 19.84 19.46
CA CYS C 97 22.32 18.55 18.99
C CYS C 97 23.21 18.77 17.78
N PRO C 98 24.23 19.68 17.84
CA PRO C 98 24.99 20.05 16.64
C PRO C 98 25.77 18.91 15.99
N GLU C 99 26.21 17.91 16.75
CA GLU C 99 26.96 16.77 16.21
C GLU C 99 25.98 15.81 15.57
N GLN C 100 24.71 15.84 15.91
CA GLN C 100 23.74 14.85 15.37
C GLN C 100 22.78 15.44 14.34
N ILE C 101 22.52 16.74 14.36
CA ILE C 101 21.43 17.34 13.58
C ILE C 101 21.99 18.53 12.85
N VAL C 102 21.79 18.50 11.52
CA VAL C 102 22.20 19.63 10.64
C VAL C 102 20.95 20.13 9.92
N LEU C 103 20.78 21.43 9.94
CA LEU C 103 19.73 22.17 9.23
C LEU C 103 20.34 22.82 8.01
N ARG C 104 19.77 22.62 6.83
N ARG C 104 19.65 22.68 6.89
CA ARG C 104 20.21 23.29 5.58
CA ARG C 104 20.04 23.12 5.55
C ARG C 104 18.97 23.84 4.88
C ARG C 104 18.83 23.82 4.92
N THR C 105 18.71 25.13 5.08
CA THR C 105 17.63 25.88 4.40
C THR C 105 18.00 26.12 2.95
N THR C 106 19.27 25.98 2.59
CA THR C 106 19.81 26.54 1.34
C THR C 106 19.52 25.57 0.20
N LYS C 107 19.10 26.16 -0.91
CA LYS C 107 18.80 25.55 -2.23
C LYS C 107 20.09 24.98 -2.82
N TRP C 108 21.23 25.63 -2.53
CA TRP C 108 22.58 25.24 -3.02
C TRP C 108 22.88 23.79 -2.66
N ARG C 109 23.42 23.04 -3.64
CA ARG C 109 23.92 21.63 -3.53
C ARG C 109 25.27 21.52 -4.28
N SER C 110 26.16 20.61 -3.85
CA SER C 110 27.54 20.39 -4.41
C SER C 110 27.52 19.47 -5.64
N PRO D 10 -19.52 -18.05 -31.61
CA PRO D 10 -19.47 -18.06 -30.13
C PRO D 10 -18.71 -19.26 -29.50
N ALA D 11 -18.36 -20.30 -30.25
CA ALA D 11 -17.38 -21.33 -29.80
C ALA D 11 -15.98 -20.95 -30.32
N ASP D 12 -15.91 -20.14 -31.39
CA ASP D 12 -14.77 -19.28 -31.79
C ASP D 12 -14.40 -18.46 -30.56
N GLU D 13 -15.39 -17.85 -29.92
CA GLU D 13 -15.18 -16.89 -28.80
C GLU D 13 -14.76 -17.63 -27.55
N GLU D 14 -15.43 -18.73 -27.20
CA GLU D 14 -15.01 -19.66 -26.14
C GLU D 14 -13.52 -19.95 -26.35
N ALA D 15 -13.16 -20.44 -27.55
CA ALA D 15 -11.82 -20.95 -27.92
C ALA D 15 -10.74 -19.88 -27.71
N SER D 16 -10.90 -18.71 -28.32
CA SER D 16 -9.95 -17.57 -28.18
C SER D 16 -9.86 -17.16 -26.70
N ALA D 17 -10.98 -17.16 -25.95
CA ALA D 17 -10.95 -16.83 -24.51
C ALA D 17 -10.02 -17.82 -23.80
N PHE D 18 -10.18 -19.11 -24.03
CA PHE D 18 -9.31 -20.11 -23.35
C PHE D 18 -7.84 -19.90 -23.72
N ARG D 19 -7.53 -19.52 -24.97
CA ARG D 19 -6.13 -19.32 -25.43
C ARG D 19 -5.57 -18.09 -24.70
N ALA D 20 -6.39 -17.06 -24.50
CA ALA D 20 -5.96 -15.80 -23.86
C ALA D 20 -5.63 -16.08 -22.38
N VAL D 21 -6.50 -16.76 -21.64
CA VAL D 21 -6.27 -16.99 -20.18
C VAL D 21 -5.32 -18.15 -19.92
N ALA D 22 -4.74 -18.74 -20.96
CA ALA D 22 -3.81 -19.89 -20.85
C ALA D 22 -2.49 -19.39 -20.25
N ASP D 23 -2.21 -18.11 -20.44
CA ASP D 23 -0.90 -17.50 -20.13
C ASP D 23 -0.99 -16.79 -18.77
N PRO D 24 -0.03 -17.03 -17.83
CA PRO D 24 -0.04 -16.41 -16.51
C PRO D 24 0.10 -14.88 -16.52
N THR D 25 0.85 -14.31 -17.46
CA THR D 25 0.93 -12.83 -17.55
C THR D 25 -0.43 -12.23 -17.89
N ARG D 26 -1.12 -12.82 -18.86
CA ARG D 26 -2.43 -12.30 -19.29
C ARG D 26 -3.46 -12.47 -18.16
N ARG D 27 -3.38 -13.56 -17.41
CA ARG D 27 -4.25 -13.73 -16.22
C ARG D 27 -3.95 -12.64 -15.20
N GLN D 28 -2.68 -12.36 -14.95
CA GLN D 28 -2.29 -11.29 -13.97
C GLN D 28 -2.77 -9.91 -14.45
N ILE D 29 -2.63 -9.62 -15.74
CA ILE D 29 -3.16 -8.35 -16.31
C ILE D 29 -4.65 -8.22 -16.01
N LEU D 30 -5.44 -9.27 -16.26
CA LEU D 30 -6.90 -9.23 -16.04
C LEU D 30 -7.20 -8.95 -14.54
N GLU D 31 -6.48 -9.60 -13.63
CA GLU D 31 -6.62 -9.35 -12.18
C GLU D 31 -6.23 -7.89 -11.88
N ASP D 32 -5.17 -7.41 -12.48
CA ASP D 32 -4.69 -6.04 -12.24
C ASP D 32 -5.74 -5.05 -12.70
N LEU D 33 -6.51 -5.36 -13.74
CA LEU D 33 -7.53 -4.43 -14.31
C LEU D 33 -8.82 -4.42 -13.47
N ARG D 34 -9.02 -5.34 -12.53
CA ARG D 34 -10.27 -5.34 -11.71
C ARG D 34 -10.53 -3.97 -11.10
N GLY D 35 -9.46 -3.30 -10.65
CA GLY D 35 -9.52 -2.04 -9.88
C GLY D 35 -9.99 -0.86 -10.73
N GLY D 36 -9.98 -0.97 -12.05
CA GLY D 36 -10.28 0.14 -12.96
C GLY D 36 -9.30 0.15 -14.13
N GLU D 37 -9.57 0.97 -15.15
CA GLU D 37 -8.78 0.97 -16.42
C GLU D 37 -7.34 1.39 -16.13
N LEU D 38 -6.40 0.80 -16.85
CA LEU D 38 -4.96 1.11 -16.72
C LEU D 38 -4.35 1.39 -18.10
N ALA D 39 -3.44 2.37 -18.16
CA ALA D 39 -2.67 2.70 -19.38
C ALA D 39 -1.73 1.54 -19.73
N ALA D 40 -1.46 1.34 -21.01
CA ALA D 40 -0.47 0.33 -21.46
C ALA D 40 0.81 0.53 -20.65
N GLY D 41 1.22 1.80 -20.50
CA GLY D 41 2.42 2.21 -19.77
C GLY D 41 2.39 1.66 -18.36
N GLU D 42 1.24 1.79 -17.69
CA GLU D 42 1.08 1.31 -16.32
C GLU D 42 1.26 -0.21 -16.29
N ILE D 43 0.65 -0.91 -17.25
CA ILE D 43 0.65 -2.39 -17.31
C ILE D 43 2.08 -2.87 -17.58
N ALA D 44 2.77 -2.26 -18.54
CA ALA D 44 4.18 -2.63 -18.88
C ALA D 44 5.05 -2.48 -17.62
N GLY D 45 4.84 -1.42 -16.83
CA GLY D 45 5.55 -1.19 -15.56
C GLY D 45 5.41 -2.33 -14.53
N ARG D 46 4.39 -3.19 -14.61
CA ARG D 46 4.10 -4.17 -13.53
C ARG D 46 4.66 -5.57 -13.86
N PHE D 47 5.42 -5.72 -14.94
CA PHE D 47 5.95 -7.05 -15.35
C PHE D 47 7.41 -6.90 -15.77
N PRO D 48 8.32 -7.83 -15.42
CA PRO D 48 9.71 -7.72 -15.85
C PRO D 48 9.92 -8.36 -17.24
N ILE D 49 9.14 -7.96 -18.23
CA ILE D 49 9.27 -8.45 -19.63
C ILE D 49 9.21 -7.23 -20.53
N SER D 50 9.63 -7.38 -21.78
CA SER D 50 9.77 -6.26 -22.72
C SER D 50 8.40 -5.63 -22.91
N ALA D 51 8.37 -4.33 -23.19
CA ALA D 51 7.16 -3.53 -23.53
C ALA D 51 6.52 -4.08 -24.79
N PRO D 52 7.31 -4.57 -25.79
CA PRO D 52 6.77 -5.35 -26.91
C PRO D 52 5.98 -6.61 -26.49
N SER D 53 6.52 -7.42 -25.59
CA SER D 53 5.91 -8.71 -25.16
C SER D 53 4.58 -8.39 -24.46
N ILE D 54 4.55 -7.35 -23.64
CA ILE D 54 3.29 -6.87 -22.99
C ILE D 54 2.30 -6.44 -24.07
N SER D 55 2.75 -5.70 -25.09
CA SER D 55 1.87 -5.26 -26.20
C SER D 55 1.24 -6.47 -26.89
N ARG D 56 2.03 -7.51 -27.13
CA ARG D 56 1.59 -8.82 -27.68
C ARG D 56 0.48 -9.36 -26.79
N HIS D 57 0.77 -9.48 -25.48
CA HIS D 57 -0.19 -9.99 -24.47
C HIS D 57 -1.49 -9.18 -24.56
N LEU D 58 -1.40 -7.85 -24.67
CA LEU D 58 -2.59 -6.98 -24.70
C LEU D 58 -3.31 -7.19 -26.04
N GLY D 59 -2.60 -7.34 -27.15
CA GLY D 59 -3.20 -7.68 -28.45
C GLY D 59 -4.05 -8.95 -28.32
N VAL D 60 -3.51 -9.98 -27.66
CA VAL D 60 -4.17 -11.30 -27.51
C VAL D 60 -5.42 -11.13 -26.66
N LEU D 61 -5.33 -10.38 -25.58
CA LEU D 61 -6.52 -10.11 -24.72
C LEU D 61 -7.57 -9.31 -25.51
N LYS D 62 -7.16 -8.28 -26.27
CA LYS D 62 -8.13 -7.42 -26.97
C LYS D 62 -8.80 -8.27 -28.07
N GLY D 63 -8.01 -9.11 -28.73
CA GLY D 63 -8.50 -10.06 -29.77
C GLY D 63 -9.52 -11.03 -29.23
N ALA D 64 -9.41 -11.48 -27.97
CA ALA D 64 -10.38 -12.41 -27.37
C ALA D 64 -11.52 -11.60 -26.74
N GLY D 65 -11.51 -10.27 -26.89
CA GLY D 65 -12.56 -9.39 -26.32
C GLY D 65 -12.56 -9.39 -24.79
N LEU D 66 -11.47 -9.78 -24.13
CA LEU D 66 -11.39 -9.84 -22.64
C LEU D 66 -10.99 -8.47 -22.06
N VAL D 67 -10.51 -7.57 -22.89
CA VAL D 67 -10.31 -6.15 -22.51
C VAL D 67 -10.83 -5.27 -23.63
N THR D 68 -11.16 -4.02 -23.31
CA THR D 68 -11.52 -2.98 -24.29
C THR D 68 -10.43 -1.92 -24.18
N GLU D 69 -10.37 -1.08 -25.19
CA GLU D 69 -9.28 -0.12 -25.41
C GLU D 69 -9.93 1.23 -25.71
N ARG D 70 -9.22 2.30 -25.40
CA ARG D 70 -9.74 3.67 -25.46
C ARG D 70 -8.53 4.59 -25.49
N ARG D 71 -8.60 5.70 -26.23
CA ARG D 71 -7.48 6.67 -26.39
C ARG D 71 -7.77 7.90 -25.52
N ASP D 72 -6.72 8.44 -24.89
CA ASP D 72 -6.71 9.72 -24.11
C ASP D 72 -5.45 10.49 -24.47
N ALA D 73 -5.50 11.22 -25.60
CA ALA D 73 -4.36 11.86 -26.30
C ALA D 73 -3.34 10.78 -26.69
N ASN D 74 -2.27 10.65 -25.92
CA ASN D 74 -1.10 9.79 -26.24
C ASN D 74 -1.26 8.42 -25.56
N ARG D 75 -2.29 8.22 -24.74
CA ARG D 75 -2.44 7.03 -23.86
C ARG D 75 -3.50 6.07 -24.43
N ILE D 76 -3.14 4.78 -24.59
CA ILE D 76 -4.08 3.64 -24.77
C ILE D 76 -4.42 3.10 -23.37
N LEU D 77 -5.67 3.32 -22.90
CA LEU D 77 -6.23 2.77 -21.64
C LEU D 77 -7.04 1.47 -21.92
N TYR D 78 -6.83 0.44 -21.08
CA TYR D 78 -7.48 -0.89 -21.18
C TYR D 78 -8.39 -1.10 -19.97
N SER D 79 -9.60 -1.60 -20.22
CA SER D 79 -10.61 -2.00 -19.23
C SER D 79 -10.88 -3.49 -19.34
N LEU D 80 -11.15 -4.08 -18.19
CA LEU D 80 -11.64 -5.47 -18.07
C LEU D 80 -13.05 -5.59 -18.69
N ALA D 81 -13.24 -6.52 -19.63
CA ALA D 81 -14.59 -6.96 -20.10
C ALA D 81 -15.02 -8.20 -19.31
N GLU D 82 -15.45 -8.03 -18.07
CA GLU D 82 -15.68 -9.23 -17.21
C GLU D 82 -16.94 -10.02 -17.66
N GLU D 83 -17.93 -9.35 -18.25
CA GLU D 83 -19.17 -10.06 -18.68
C GLU D 83 -18.76 -11.05 -19.78
N ARG D 84 -17.93 -10.61 -20.72
CA ARG D 84 -17.45 -11.46 -21.84
C ARG D 84 -16.63 -12.65 -21.28
N LEU D 85 -15.67 -12.38 -20.38
CA LEU D 85 -14.83 -13.45 -19.80
C LEU D 85 -15.70 -14.50 -19.09
N ALA D 86 -16.70 -14.05 -18.33
CA ALA D 86 -17.55 -14.90 -17.46
C ALA D 86 -18.35 -15.85 -18.35
N LEU D 87 -18.94 -15.35 -19.44
CA LEU D 87 -19.73 -16.23 -20.33
C LEU D 87 -18.76 -17.18 -21.06
N CYS D 88 -17.67 -16.65 -21.62
CA CYS D 88 -16.77 -17.44 -22.51
C CYS D 88 -16.06 -18.56 -21.75
N VAL D 89 -15.69 -18.36 -20.48
CA VAL D 89 -14.98 -19.39 -19.70
C VAL D 89 -15.95 -20.04 -18.74
N GLY D 90 -16.94 -19.30 -18.25
CA GLY D 90 -17.86 -19.79 -17.19
C GLY D 90 -18.98 -20.70 -17.73
N ARG D 91 -19.29 -20.63 -19.03
CA ARG D 91 -20.25 -21.61 -19.57
C ARG D 91 -19.63 -22.99 -19.43
N PHE D 92 -18.42 -23.14 -19.95
CA PHE D 92 -17.65 -24.40 -19.88
C PHE D 92 -17.48 -24.81 -18.42
N LEU D 93 -17.06 -23.87 -17.56
CA LEU D 93 -16.71 -24.26 -16.17
C LEU D 93 -17.95 -24.69 -15.40
N SER D 94 -19.05 -23.96 -15.52
CA SER D 94 -20.31 -24.34 -14.87
C SER D 94 -20.87 -25.63 -15.49
N ALA D 95 -20.58 -25.93 -16.76
CA ALA D 95 -21.10 -27.17 -17.41
C ALA D 95 -20.37 -28.39 -16.81
N VAL D 96 -19.06 -28.30 -16.61
CA VAL D 96 -18.25 -29.43 -16.11
C VAL D 96 -18.27 -29.47 -14.57
N CYS D 97 -18.43 -28.34 -13.89
CA CYS D 97 -18.45 -28.26 -12.42
C CYS D 97 -19.75 -27.67 -11.89
N PRO D 98 -20.92 -28.22 -12.23
CA PRO D 98 -22.18 -27.58 -11.90
C PRO D 98 -22.42 -27.44 -10.40
N GLU D 99 -21.83 -28.34 -9.63
CA GLU D 99 -22.01 -28.37 -8.16
C GLU D 99 -21.12 -27.29 -7.53
N GLN D 100 -20.05 -26.85 -8.20
CA GLN D 100 -19.12 -25.90 -7.59
C GLN D 100 -19.23 -24.49 -8.17
N ILE D 101 -19.64 -24.36 -9.43
CA ILE D 101 -19.53 -23.09 -10.18
C ILE D 101 -20.92 -22.70 -10.67
N VAL D 102 -21.33 -21.49 -10.34
CA VAL D 102 -22.58 -20.89 -10.84
C VAL D 102 -22.26 -19.66 -11.69
N LEU D 103 -22.83 -19.64 -12.88
CA LEU D 103 -22.77 -18.47 -13.78
C LEU D 103 -24.05 -17.67 -13.64
N ARG D 104 -23.95 -16.38 -13.39
CA ARG D 104 -25.13 -15.47 -13.33
C ARG D 104 -24.85 -14.26 -14.22
N THR D 105 -25.44 -14.23 -15.42
CA THR D 105 -25.27 -13.13 -16.41
C THR D 105 -26.24 -12.02 -16.08
N THR D 106 -27.26 -12.36 -15.32
CA THR D 106 -28.33 -11.53 -14.74
C THR D 106 -27.88 -10.95 -13.40
#